data_2MYM
#
_entry.id   2MYM
#
_entity_poly.entity_id   1
_entity_poly.type   'polypeptide(L)'
_entity_poly.pdbx_seq_one_letter_code
;NSGLSFEE(MK8)YRN(MK8)YTMVLHK
;
_entity_poly.pdbx_strand_id   A
#
# COMPACT_ATOMS: atom_id res chain seq x y z
N ASN A 1 4.06 -8.31 14.33
CA ASN A 1 5.25 -8.06 13.54
C ASN A 1 5.00 -8.34 12.06
N SER A 2 5.32 -7.37 11.21
CA SER A 2 5.13 -7.52 9.77
C SER A 2 6.02 -6.53 9.01
N GLY A 3 6.08 -5.30 9.49
CA GLY A 3 6.89 -4.29 8.84
C GLY A 3 6.21 -2.93 8.82
N LEU A 4 6.16 -2.31 7.65
CA LEU A 4 5.55 -0.99 7.51
C LEU A 4 5.56 -0.54 6.05
N SER A 5 6.73 -0.62 5.43
CA SER A 5 6.89 -0.22 4.04
C SER A 5 5.93 -1.00 3.13
N PHE A 6 5.61 -2.22 3.53
CA PHE A 6 4.71 -3.07 2.77
C PHE A 6 3.27 -2.57 2.89
N GLU A 7 2.89 -2.16 4.09
CA GLU A 7 1.54 -1.67 4.33
C GLU A 7 1.33 -0.30 3.68
N GLU A 8 2.42 0.43 3.48
CA GLU A 8 2.36 1.74 2.86
C GLU A 8 2.25 1.63 1.33
N TYR A 10 0.95 -0.73 0.13
CA TYR A 10 -0.34 -1.42 0.18
C TYR A 10 -1.48 -0.41 0.33
N ARG A 11 -1.12 0.85 0.56
CA ARG A 11 -2.11 1.91 0.73
C ARG A 11 -1.77 3.12 -0.13
N ASN A 12 -0.70 3.00 -0.92
CA ASN A 12 -0.27 4.08 -1.79
C ASN A 12 -0.08 3.59 -3.21
N TYR A 14 -1.19 0.29 -4.03
CA TYR A 14 -2.41 -0.50 -4.08
C TYR A 14 -3.63 0.40 -4.16
N THR A 15 -3.54 1.57 -3.53
CA THR A 15 -4.65 2.52 -3.54
C THR A 15 -4.74 3.25 -4.87
N MET A 16 -3.64 3.28 -5.62
CA MET A 16 -3.61 3.93 -6.91
C MET A 16 -4.10 3.00 -8.01
N VAL A 17 -3.97 1.70 -7.78
CA VAL A 17 -4.40 0.70 -8.74
C VAL A 17 -5.91 0.52 -8.72
N LEU A 18 -6.48 0.54 -7.52
CA LEU A 18 -7.93 0.38 -7.36
C LEU A 18 -8.66 1.65 -7.78
N HIS A 19 -8.00 2.80 -7.62
CA HIS A 19 -8.60 4.08 -7.98
C HIS A 19 -8.66 4.23 -9.50
N LYS A 20 -7.51 4.07 -10.16
CA LYS A 20 -7.43 4.19 -11.60
C LYS A 20 -8.13 3.02 -12.28
N ASN A 1 10.62 -8.36 7.40
CA ASN A 1 9.55 -7.39 7.23
C ASN A 1 9.75 -6.19 8.15
N SER A 2 9.53 -5.00 7.62
CA SER A 2 9.70 -3.77 8.38
C SER A 2 8.59 -3.63 9.43
N GLY A 3 7.38 -4.02 9.05
CA GLY A 3 6.25 -3.93 9.97
C GLY A 3 5.36 -2.74 9.68
N LEU A 4 5.37 -2.30 8.42
CA LEU A 4 4.54 -1.16 8.02
C LEU A 4 4.72 -0.88 6.53
N SER A 5 5.93 -1.10 6.02
CA SER A 5 6.22 -0.86 4.61
C SER A 5 5.22 -1.58 3.72
N PHE A 6 4.72 -2.72 4.19
CA PHE A 6 3.74 -3.50 3.43
C PHE A 6 2.38 -2.82 3.44
N GLU A 7 2.03 -2.22 4.57
CA GLU A 7 0.75 -1.53 4.71
C GLU A 7 0.76 -0.22 3.92
N GLU A 8 1.94 0.34 3.71
CA GLU A 8 2.07 1.59 2.98
C GLU A 8 2.03 1.35 1.47
N TYR A 10 0.48 -0.91 0.40
CA TYR A 10 -0.89 -1.41 0.41
C TYR A 10 -1.89 -0.25 0.42
N ARG A 11 -1.38 0.96 0.57
CA ARG A 11 -2.23 2.15 0.60
C ARG A 11 -1.67 3.22 -0.33
N ASN A 12 -0.61 2.90 -1.05
CA ASN A 12 0.01 3.83 -1.97
C ASN A 12 0.21 3.19 -3.34
N TYR A 14 -1.28 -0.01 -3.96
CA TYR A 14 -2.60 -0.63 -4.00
C TYR A 14 -3.70 0.41 -4.18
N THR A 15 -3.48 1.59 -3.60
CA THR A 15 -4.45 2.67 -3.69
C THR A 15 -4.39 3.36 -5.05
N MET A 16 -3.27 3.20 -5.74
CA MET A 16 -3.09 3.79 -7.05
C MET A 16 -3.65 2.88 -8.14
N VAL A 17 -3.70 1.59 -7.85
CA VAL A 17 -4.21 0.61 -8.80
C VAL A 17 -5.74 0.62 -8.85
N LEU A 18 -6.35 0.78 -7.68
CA LEU A 18 -7.81 0.81 -7.58
C LEU A 18 -8.36 2.14 -8.08
N HIS A 19 -7.57 3.20 -7.92
CA HIS A 19 -7.98 4.53 -8.37
C HIS A 19 -7.95 4.62 -9.89
N LYS A 20 -6.81 4.29 -10.48
CA LYS A 20 -6.66 4.34 -11.93
C LYS A 20 -7.47 3.25 -12.60
N ASN A 1 9.51 1.82 12.11
CA ASN A 1 8.66 0.69 11.73
C ASN A 1 9.46 -0.36 10.97
N SER A 2 9.28 -1.63 11.35
CA SER A 2 9.99 -2.73 10.70
C SER A 2 9.05 -3.49 9.76
N GLY A 3 8.10 -4.21 10.34
CA GLY A 3 7.15 -4.97 9.55
C GLY A 3 5.91 -4.19 9.20
N LEU A 4 6.02 -3.30 8.20
CA LEU A 4 4.90 -2.49 7.77
C LEU A 4 5.14 -1.92 6.38
N SER A 5 5.96 -2.61 5.59
CA SER A 5 6.27 -2.18 4.24
C SER A 5 5.26 -2.74 3.24
N PHE A 6 4.78 -3.95 3.51
CA PHE A 6 3.82 -4.60 2.63
C PHE A 6 2.44 -3.94 2.75
N GLU A 7 2.08 -3.56 3.97
CA GLU A 7 0.79 -2.92 4.22
C GLU A 7 0.79 -1.49 3.68
N GLU A 8 1.98 -0.89 3.59
CA GLU A 8 2.11 0.47 3.11
C GLU A 8 2.05 0.51 1.58
N TYR A 10 0.50 -1.54 0.12
CA TYR A 10 -0.87 -2.04 0.05
C TYR A 10 -1.87 -0.92 0.28
N ARG A 11 -1.36 0.26 0.63
CA ARG A 11 -2.22 1.42 0.88
C ARG A 11 -1.68 2.65 0.14
N ASN A 12 -0.61 2.46 -0.62
CA ASN A 12 0.00 3.56 -1.37
C ASN A 12 0.19 3.16 -2.84
N TYR A 14 -1.30 0.13 -4.00
CA TYR A 14 -2.61 -0.49 -4.16
C TYR A 14 -3.71 0.56 -4.18
N THR A 15 -3.49 1.66 -3.45
CA THR A 15 -4.46 2.74 -3.38
C THR A 15 -4.41 3.60 -4.63
N MET A 16 -3.28 3.55 -5.34
CA MET A 16 -3.11 4.32 -6.56
C MET A 16 -3.67 3.57 -7.76
N VAL A 17 -3.72 2.25 -7.66
CA VAL A 17 -4.23 1.41 -8.73
C VAL A 17 -5.75 1.42 -8.77
N LEU A 18 -6.37 1.40 -7.59
CA LEU A 18 -7.82 1.42 -7.49
C LEU A 18 -8.38 2.81 -7.80
N HIS A 19 -7.59 3.83 -7.50
CA HIS A 19 -8.00 5.22 -7.75
C HIS A 19 -7.99 5.52 -9.24
N LYS A 20 -6.84 5.28 -9.88
CA LYS A 20 -6.70 5.53 -11.31
C LYS A 20 -7.51 4.53 -12.12
N ASN A 1 4.53 -6.23 13.49
CA ASN A 1 4.59 -7.66 13.20
C ASN A 1 5.16 -7.91 11.80
N SER A 2 4.73 -7.08 10.84
CA SER A 2 5.20 -7.21 9.47
C SER A 2 6.32 -6.23 9.18
N GLY A 3 6.01 -4.94 9.25
CA GLY A 3 7.00 -3.91 8.99
C GLY A 3 6.39 -2.52 8.91
N LEU A 4 6.35 -1.97 7.70
CA LEU A 4 5.79 -0.64 7.49
C LEU A 4 5.85 -0.27 6.00
N SER A 5 7.02 -0.43 5.40
CA SER A 5 7.20 -0.10 3.98
C SER A 5 6.18 -0.84 3.12
N PHE A 6 5.83 -2.05 3.54
CA PHE A 6 4.86 -2.87 2.81
C PHE A 6 3.44 -2.32 2.99
N GLU A 7 3.22 -1.64 4.11
CA GLU A 7 1.91 -1.07 4.40
C GLU A 7 1.74 0.28 3.72
N GLU A 8 2.86 0.95 3.46
CA GLU A 8 2.83 2.26 2.81
C GLU A 8 2.64 2.11 1.31
N TYR A 10 1.18 -0.35 0.10
CA TYR A 10 -0.17 -0.90 0.17
C TYR A 10 -1.21 0.22 0.27
N ARG A 11 -0.74 1.43 0.51
CA ARG A 11 -1.63 2.59 0.63
C ARG A 11 -1.24 3.68 -0.37
N ASN A 12 -0.20 3.41 -1.15
CA ASN A 12 0.27 4.37 -2.15
C ASN A 12 0.70 3.65 -3.43
N TYR A 14 -1.05 0.11 -4.11
CA TYR A 14 -2.19 -0.81 -4.09
C TYR A 14 -3.51 -0.05 -4.02
N THR A 15 -3.44 1.20 -3.57
CA THR A 15 -4.63 2.02 -3.45
C THR A 15 -4.87 2.84 -4.72
N MET A 16 -3.82 3.04 -5.50
CA MET A 16 -3.91 3.80 -6.73
C MET A 16 -4.34 2.90 -7.89
N VAL A 17 -4.06 1.61 -7.76
CA VAL A 17 -4.42 0.64 -8.80
C VAL A 17 -5.91 0.28 -8.72
N LEU A 18 -6.41 0.14 -7.49
CA LEU A 18 -7.81 -0.20 -7.28
C LEU A 18 -8.71 0.99 -7.56
N HIS A 19 -8.19 2.20 -7.34
CA HIS A 19 -8.94 3.42 -7.58
C HIS A 19 -9.12 3.67 -9.07
N LYS A 20 -8.00 3.69 -9.80
CA LYS A 20 -8.02 3.93 -11.24
C LYS A 20 -8.62 2.73 -11.97
N ASN A 1 7.17 -5.86 14.28
CA ASN A 1 7.40 -5.37 12.94
C ASN A 1 6.86 -6.37 11.90
N SER A 2 5.60 -6.21 11.53
CA SER A 2 4.97 -7.09 10.55
C SER A 2 5.40 -6.72 9.14
N GLY A 3 5.36 -5.43 8.83
CA GLY A 3 5.74 -4.97 7.51
C GLY A 3 5.12 -3.63 7.15
N LEU A 4 5.58 -2.58 7.82
CA LEU A 4 5.07 -1.23 7.57
C LEU A 4 5.20 -0.86 6.10
N SER A 5 6.37 -1.15 5.53
CA SER A 5 6.62 -0.84 4.12
C SER A 5 5.57 -1.49 3.22
N PHE A 6 5.10 -2.67 3.62
CA PHE A 6 4.11 -3.40 2.85
C PHE A 6 2.74 -2.74 2.99
N GLU A 7 2.53 -2.04 4.10
CA GLU A 7 1.27 -1.36 4.36
C GLU A 7 1.22 0.00 3.67
N GLU A 8 2.41 0.58 3.45
CA GLU A 8 2.51 1.87 2.81
C GLU A 8 2.35 1.75 1.29
N TYR A 10 0.74 -0.58 0.02
CA TYR A 10 -0.66 -1.02 0.05
C TYR A 10 -1.59 0.18 0.11
N ARG A 11 -1.03 1.36 0.38
CA ARG A 11 -1.82 2.58 0.46
C ARG A 11 -1.31 3.64 -0.52
N ASN A 12 -0.26 3.28 -1.26
CA ASN A 12 0.32 4.19 -2.24
C ASN A 12 0.73 3.45 -3.51
N TYR A 14 -1.30 0.07 -4.27
CA TYR A 14 -2.50 -0.76 -4.28
C TYR A 14 -3.75 0.11 -4.24
N THR A 15 -3.59 1.35 -3.80
CA THR A 15 -4.71 2.29 -3.72
C THR A 15 -4.84 3.11 -4.99
N MET A 16 -3.74 3.23 -5.73
CA MET A 16 -3.73 3.98 -6.97
C MET A 16 -4.19 3.13 -8.14
N VAL A 17 -4.03 1.81 -8.01
CA VAL A 17 -4.43 0.88 -9.05
C VAL A 17 -5.94 0.64 -9.03
N LEU A 18 -6.50 0.56 -7.82
CA LEU A 18 -7.93 0.34 -7.66
C LEU A 18 -8.73 1.60 -7.98
N HIS A 19 -8.10 2.75 -7.73
CA HIS A 19 -8.75 4.04 -7.99
C HIS A 19 -8.85 4.30 -9.49
N LYS A 20 -7.71 4.24 -10.18
CA LYS A 20 -7.66 4.46 -11.62
C LYS A 20 -8.35 3.34 -12.37
N ASN A 1 1.75 -4.89 10.08
CA ASN A 1 1.60 -6.33 9.91
C ASN A 1 2.96 -7.03 9.90
N SER A 2 3.89 -6.48 9.14
CA SER A 2 5.23 -7.04 9.05
C SER A 2 6.28 -5.94 8.81
N GLY A 3 5.97 -5.04 7.87
CA GLY A 3 6.89 -3.97 7.57
C GLY A 3 6.17 -2.68 7.23
N LEU A 4 6.63 -1.57 7.80
CA LEU A 4 6.02 -0.27 7.56
C LEU A 4 6.04 0.06 6.07
N SER A 5 7.19 -0.10 5.45
CA SER A 5 7.35 0.19 4.01
C SER A 5 6.32 -0.59 3.20
N PHE A 6 6.00 -1.80 3.65
CA PHE A 6 5.04 -2.65 2.95
C PHE A 6 3.62 -2.12 3.15
N GLU A 7 3.40 -1.40 4.26
CA GLU A 7 2.09 -0.86 4.56
C GLU A 7 1.88 0.47 3.84
N GLU A 8 2.98 1.16 3.54
CA GLU A 8 2.92 2.44 2.86
C GLU A 8 2.69 2.25 1.36
N TYR A 10 1.25 -0.26 0.25
CA TYR A 10 -0.07 -0.83 0.36
C TYR A 10 -1.13 0.26 0.45
N ARG A 11 -0.67 1.50 0.64
CA ARG A 11 -1.58 2.64 0.75
C ARG A 11 -1.23 3.70 -0.29
N ASN A 12 -0.20 3.43 -1.08
CA ASN A 12 0.24 4.37 -2.11
C ASN A 12 0.65 3.63 -3.38
N TYR A 14 -1.05 0.04 -3.93
CA TYR A 14 -2.16 -0.90 -3.87
C TYR A 14 -3.50 -0.16 -3.78
N THR A 15 -3.44 1.10 -3.39
CA THR A 15 -4.65 1.92 -3.26
C THR A 15 -4.92 2.69 -4.55
N MET A 16 -3.88 2.88 -5.34
CA MET A 16 -4.01 3.61 -6.60
C MET A 16 -4.46 2.67 -7.73
N VAL A 17 -4.15 1.38 -7.57
CA VAL A 17 -4.52 0.39 -8.56
C VAL A 17 -5.98 0.00 -8.45
N LEU A 18 -6.46 -0.11 -7.22
CA LEU A 18 -7.86 -0.47 -6.96
C LEU A 18 -8.78 0.70 -7.27
N HIS A 19 -8.28 1.92 -7.09
CA HIS A 19 -9.05 3.12 -7.34
C HIS A 19 -9.26 3.33 -8.85
N LYS A 20 -8.16 3.36 -9.59
CA LYS A 20 -8.21 3.54 -11.03
C LYS A 20 -8.82 2.33 -11.72
N ASN A 1 12.67 0.08 8.38
CA ASN A 1 11.62 -0.47 7.52
C ASN A 1 11.65 -2.00 7.55
N SER A 2 10.69 -2.58 8.26
CA SER A 2 10.61 -4.03 8.36
C SER A 2 9.15 -4.49 8.45
N GLY A 3 8.45 -4.02 9.48
CA GLY A 3 7.06 -4.39 9.66
C GLY A 3 6.11 -3.35 9.11
N LEU A 4 4.87 -3.76 8.86
CA LEU A 4 3.86 -2.85 8.31
C LEU A 4 4.26 -2.35 6.93
N SER A 5 5.08 -3.14 6.24
CA SER A 5 5.53 -2.78 4.90
C SER A 5 4.54 -3.24 3.84
N PHE A 6 3.94 -4.41 4.06
CA PHE A 6 2.98 -4.97 3.13
C PHE A 6 1.67 -4.20 3.18
N GLU A 7 1.36 -3.64 4.35
CA GLU A 7 0.13 -2.88 4.54
C GLU A 7 0.29 -1.45 4.02
N GLU A 8 1.53 -0.97 4.00
CA GLU A 8 1.82 0.37 3.51
C GLU A 8 1.82 0.43 1.99
N TYR A 10 0.14 -1.58 0.31
CA TYR A 10 -1.27 -1.87 0.14
C TYR A 10 -2.10 -0.60 0.26
N ARG A 11 -1.47 0.48 0.71
CA ARG A 11 -2.16 1.75 0.86
C ARG A 11 -1.45 2.86 0.06
N ASN A 12 -0.36 2.47 -0.62
CA ASN A 12 0.40 3.43 -1.42
C ASN A 12 0.87 2.78 -2.71
N TYR A 14 -1.34 -0.28 -4.05
CA TYR A 14 -2.60 -0.97 -4.29
C TYR A 14 -3.77 0.00 -4.27
N THR A 15 -3.56 1.17 -3.67
CA THR A 15 -4.59 2.19 -3.59
C THR A 15 -4.51 3.16 -4.77
N MET A 16 -3.33 3.24 -5.38
CA MET A 16 -3.11 4.12 -6.52
C MET A 16 -3.53 3.45 -7.82
N VAL A 17 -3.49 2.11 -7.82
CA VAL A 17 -3.86 1.34 -9.00
C VAL A 17 -5.38 1.26 -9.15
N LEU A 18 -6.07 1.10 -8.03
CA LEU A 18 -7.53 1.00 -8.03
C LEU A 18 -8.16 2.37 -8.27
N HIS A 19 -7.48 3.42 -7.84
CA HIS A 19 -7.97 4.79 -8.01
C HIS A 19 -7.88 5.21 -9.47
N LYS A 20 -6.68 5.10 -10.04
CA LYS A 20 -6.45 5.48 -11.43
C LYS A 20 -7.14 4.50 -12.38
N ASN A 1 7.16 -5.79 14.82
CA ASN A 1 8.11 -5.05 13.99
C ASN A 1 8.47 -5.85 12.74
N SER A 2 7.73 -5.60 11.65
CA SER A 2 7.97 -6.30 10.39
C SER A 2 8.52 -5.34 9.35
N GLY A 3 8.05 -4.09 9.39
CA GLY A 3 8.51 -3.10 8.43
C GLY A 3 7.39 -2.19 7.96
N LEU A 4 6.19 -2.75 7.85
CA LEU A 4 5.03 -2.00 7.40
C LEU A 4 5.27 -1.41 6.01
N SER A 5 6.14 -2.06 5.23
CA SER A 5 6.46 -1.61 3.88
C SER A 5 5.47 -2.19 2.88
N PHE A 6 5.06 -3.44 3.11
CA PHE A 6 4.12 -4.11 2.21
C PHE A 6 2.72 -3.54 2.37
N GLU A 7 2.42 -3.04 3.57
CA GLU A 7 1.11 -2.47 3.86
C GLU A 7 1.03 -1.03 3.36
N GLU A 8 2.18 -0.38 3.28
CA GLU A 8 2.24 1.02 2.83
C GLU A 8 2.14 1.09 1.31
N TYR A 10 0.66 -1.10 -0.32
CA TYR A 10 -0.71 -1.59 -0.40
C TYR A 10 -1.70 -0.45 -0.21
N ARG A 11 -1.20 0.70 0.24
CA ARG A 11 -2.05 1.87 0.46
C ARG A 11 -1.55 3.07 -0.34
N ASN A 12 -0.48 2.86 -1.10
CA ASN A 12 0.10 3.92 -1.91
C ASN A 12 0.57 3.38 -3.26
N TYR A 14 -1.28 0.07 -4.54
CA TYR A 14 -2.44 -0.79 -4.72
C TYR A 14 -3.74 0.00 -4.61
N THR A 15 -3.65 1.18 -3.99
CA THR A 15 -4.80 2.04 -3.81
C THR A 15 -4.94 3.03 -4.96
N MET A 16 -3.82 3.29 -5.64
CA MET A 16 -3.81 4.22 -6.77
C MET A 16 -4.21 3.51 -8.06
N VAL A 17 -3.99 2.20 -8.11
CA VAL A 17 -4.32 1.41 -9.29
C VAL A 17 -5.82 1.11 -9.34
N LEU A 18 -6.41 0.84 -8.18
CA LEU A 18 -7.83 0.54 -8.09
C LEU A 18 -8.66 1.80 -8.26
N HIS A 19 -8.11 2.93 -7.84
CA HIS A 19 -8.79 4.21 -7.94
C HIS A 19 -8.86 4.68 -9.39
N LYS A 20 -7.70 4.74 -10.03
CA LYS A 20 -7.62 5.17 -11.43
C LYS A 20 -8.20 4.12 -12.36
N ASN A 1 8.62 -5.70 6.01
CA ASN A 1 9.93 -6.18 6.42
C ASN A 1 10.41 -5.44 7.67
N SER A 2 10.32 -4.11 7.63
CA SER A 2 10.75 -3.29 8.75
C SER A 2 9.58 -3.01 9.71
N GLY A 3 8.39 -2.86 9.14
CA GLY A 3 7.22 -2.59 9.95
C GLY A 3 6.24 -1.64 9.27
N LEU A 4 4.99 -2.06 9.16
CA LEU A 4 3.96 -1.24 8.52
C LEU A 4 4.33 -0.92 7.07
N SER A 5 5.15 -1.79 6.48
CA SER A 5 5.58 -1.59 5.10
C SER A 5 4.58 -2.20 4.12
N PHE A 6 3.99 -3.33 4.51
CA PHE A 6 3.01 -4.01 3.67
C PHE A 6 1.70 -3.24 3.64
N GLU A 7 1.40 -2.55 4.73
CA GLU A 7 0.17 -1.77 4.82
C GLU A 7 0.33 -0.42 4.13
N GLU A 8 1.56 0.06 4.03
CA GLU A 8 1.84 1.33 3.38
C GLU A 8 1.81 1.19 1.86
N TYR A 10 0.10 -0.99 0.47
CA TYR A 10 -1.33 -1.27 0.37
C TYR A 10 -2.14 0.02 0.33
N ARG A 11 -1.48 1.13 0.64
CA ARG A 11 -2.15 2.43 0.64
C ARG A 11 -1.44 3.40 -0.29
N ASN A 12 -0.37 2.93 -0.95
CA ASN A 12 0.39 3.76 -1.86
C ASN A 12 0.83 2.95 -3.08
N TYR A 14 -1.46 -0.22 -4.00
CA TYR A 14 -2.73 -0.92 -4.12
C TYR A 14 -3.88 0.08 -4.21
N THR A 15 -3.64 1.31 -3.76
CA THR A 15 -4.66 2.35 -3.79
C THR A 15 -4.58 3.16 -5.07
N MET A 16 -3.41 3.14 -5.71
CA MET A 16 -3.21 3.88 -6.96
C MET A 16 -3.65 3.04 -8.16
N VAL A 17 -3.64 1.73 -7.99
CA VAL A 17 -4.05 0.83 -9.07
C VAL A 17 -5.57 0.75 -9.18
N LEU A 18 -6.24 0.74 -8.03
CA LEU A 18 -7.70 0.67 -8.00
C LEU A 18 -8.31 2.00 -8.41
N HIS A 19 -7.60 3.09 -8.11
CA HIS A 19 -8.08 4.43 -8.45
C HIS A 19 -8.01 4.67 -9.95
N LYS A 20 -6.83 4.46 -10.52
CA LYS A 20 -6.62 4.66 -11.96
C LYS A 20 -7.33 3.57 -12.76
N ASN A 1 1.24 -6.67 10.95
CA ASN A 1 1.97 -5.47 10.56
C ASN A 1 3.38 -5.47 11.14
N SER A 2 4.11 -6.55 10.91
CA SER A 2 5.47 -6.68 11.42
C SER A 2 6.37 -5.61 10.81
N GLY A 3 6.13 -5.28 9.55
CA GLY A 3 6.93 -4.29 8.86
C GLY A 3 6.25 -2.94 8.82
N LEU A 4 6.23 -2.32 7.65
CA LEU A 4 5.61 -1.01 7.48
C LEU A 4 5.68 -0.56 6.02
N SER A 5 6.85 -0.72 5.41
CA SER A 5 7.05 -0.33 4.02
C SER A 5 6.06 -1.04 3.10
N PHE A 6 5.72 -2.28 3.46
CA PHE A 6 4.79 -3.07 2.67
C PHE A 6 3.36 -2.56 2.86
N GLU A 7 3.11 -1.93 3.99
CA GLU A 7 1.78 -1.40 4.30
C GLU A 7 1.59 -0.02 3.68
N GLU A 8 2.70 0.68 3.46
CA GLU A 8 2.66 2.01 2.88
C GLU A 8 2.50 1.93 1.36
N TYR A 10 1.10 -0.48 0.01
CA TYR A 10 -0.24 -1.07 0.04
C TYR A 10 -1.30 0.02 0.16
N ARG A 11 -0.85 1.24 0.47
CA ARG A 11 -1.76 2.37 0.62
C ARG A 11 -1.37 3.50 -0.31
N ASN A 12 -0.32 3.30 -1.08
CA ASN A 12 0.16 4.31 -2.02
C ASN A 12 0.62 3.67 -3.33
N TYR A 14 -1.06 0.14 -4.22
CA TYR A 14 -2.18 -0.81 -4.26
C TYR A 14 -3.51 -0.08 -4.17
N THR A 15 -3.47 1.15 -3.67
CA THR A 15 -4.68 1.96 -3.52
C THR A 15 -4.91 2.82 -4.76
N MET A 16 -3.84 3.07 -5.51
CA MET A 16 -3.93 3.89 -6.71
C MET A 16 -4.33 3.03 -7.91
N VAL A 17 -4.03 1.75 -7.84
CA VAL A 17 -4.36 0.82 -8.93
C VAL A 17 -5.83 0.43 -8.89
N LEU A 18 -6.35 0.23 -7.69
CA LEU A 18 -7.75 -0.15 -7.51
C LEU A 18 -8.67 1.05 -7.76
N HIS A 19 -8.17 2.24 -7.47
CA HIS A 19 -8.95 3.46 -7.67
C HIS A 19 -9.10 3.78 -9.15
N LYS A 20 -7.96 3.86 -9.85
CA LYS A 20 -7.96 4.16 -11.27
C LYS A 20 -8.54 2.99 -12.08
N ASN A 1 6.66 -4.58 14.88
CA ASN A 1 7.09 -5.95 15.11
C ASN A 1 8.04 -6.42 14.00
N SER A 2 7.76 -5.98 12.78
CA SER A 2 8.58 -6.35 11.63
C SER A 2 8.93 -5.13 10.79
N GLY A 3 7.90 -4.55 10.17
CA GLY A 3 8.11 -3.38 9.33
C GLY A 3 6.81 -2.70 8.96
N LEU A 4 6.85 -1.92 7.88
CA LEU A 4 5.67 -1.20 7.42
C LEU A 4 5.84 -0.72 5.99
N SER A 5 6.68 -1.43 5.23
CA SER A 5 6.95 -1.07 3.84
C SER A 5 5.91 -1.69 2.92
N PHE A 6 5.50 -2.93 3.23
CA PHE A 6 4.51 -3.62 2.43
C PHE A 6 3.11 -3.03 2.64
N GLU A 7 2.90 -2.43 3.82
CA GLU A 7 1.62 -1.84 4.14
C GLU A 7 1.52 -0.42 3.57
N GLU A 8 2.67 0.22 3.37
CA GLU A 8 2.71 1.57 2.82
C GLU A 8 2.53 1.55 1.31
N TYR A 10 0.98 -0.74 -0.10
CA TYR A 10 -0.40 -1.23 -0.09
C TYR A 10 -1.39 -0.07 0.09
N ARG A 11 -0.86 1.10 0.43
CA ARG A 11 -1.69 2.28 0.63
C ARG A 11 -1.24 3.42 -0.28
N ASN A 12 -0.20 3.17 -1.07
CA ASN A 12 0.34 4.17 -1.98
C ASN A 12 0.73 3.54 -3.31
N TYR A 14 -1.17 0.16 -4.30
CA TYR A 14 -2.34 -0.71 -4.36
C TYR A 14 -3.63 0.10 -4.23
N THR A 15 -3.51 1.31 -3.69
CA THR A 15 -4.66 2.18 -3.52
C THR A 15 -4.84 3.10 -4.72
N MET A 16 -3.77 3.32 -5.47
CA MET A 16 -3.81 4.17 -6.65
C MET A 16 -4.27 3.38 -7.87
N VAL A 17 -4.05 2.07 -7.84
CA VAL A 17 -4.44 1.21 -8.95
C VAL A 17 -5.94 0.91 -8.91
N LEU A 18 -6.47 0.71 -7.71
CA LEU A 18 -7.89 0.41 -7.54
C LEU A 18 -8.73 1.67 -7.74
N HIS A 19 -8.15 2.83 -7.42
CA HIS A 19 -8.85 4.10 -7.57
C HIS A 19 -8.98 4.48 -9.04
N LYS A 20 -7.85 4.51 -9.75
CA LYS A 20 -7.84 4.84 -11.17
C LYS A 20 -8.49 3.74 -12.00
N ASN A 1 11.36 -0.44 14.19
CA ASN A 1 11.21 -1.00 12.86
C ASN A 1 10.80 -2.46 12.92
N SER A 2 9.64 -2.77 12.35
CA SER A 2 9.13 -4.14 12.35
C SER A 2 8.68 -4.55 10.95
N GLY A 3 7.92 -3.67 10.30
CA GLY A 3 7.43 -3.96 8.96
C GLY A 3 6.41 -2.95 8.48
N LEU A 4 5.17 -3.40 8.34
CA LEU A 4 4.09 -2.53 7.88
C LEU A 4 4.40 -1.97 6.49
N SER A 5 5.21 -2.69 5.73
CA SER A 5 5.58 -2.27 4.39
C SER A 5 4.59 -2.80 3.36
N PHE A 6 3.94 -3.93 3.70
CA PHE A 6 2.97 -4.53 2.80
C PHE A 6 1.61 -3.86 2.93
N GLU A 7 1.36 -3.24 4.09
CA GLU A 7 0.10 -2.55 4.33
C GLU A 7 0.16 -1.11 3.81
N GLU A 8 1.37 -0.56 3.77
CA GLU A 8 1.56 0.81 3.31
C GLU A 8 1.59 0.87 1.78
N TYR A 10 0.06 -1.24 0.06
CA TYR A 10 -1.33 -1.63 -0.13
C TYR A 10 -2.25 -0.40 -0.03
N ARG A 11 -1.69 0.71 0.44
CA ARG A 11 -2.45 1.94 0.58
C ARG A 11 -1.79 3.08 -0.19
N ASN A 12 -0.68 2.77 -0.86
CA ASN A 12 0.05 3.77 -1.64
C ASN A 12 0.58 3.17 -2.93
N TYR A 14 -1.42 -0.02 -4.33
CA TYR A 14 -2.64 -0.78 -4.59
C TYR A 14 -3.86 0.13 -4.59
N THR A 15 -3.73 1.31 -3.98
CA THR A 15 -4.82 2.25 -3.92
C THR A 15 -4.77 3.24 -5.08
N MET A 16 -3.59 3.39 -5.67
CA MET A 16 -3.40 4.30 -6.80
C MET A 16 -3.75 3.60 -8.12
N VAL A 17 -3.64 2.27 -8.13
CA VAL A 17 -3.94 1.49 -9.32
C VAL A 17 -5.45 1.32 -9.49
N LEU A 18 -6.15 1.10 -8.39
CA LEU A 18 -7.60 0.93 -8.42
C LEU A 18 -8.30 2.26 -8.68
N HIS A 19 -7.70 3.34 -8.22
CA HIS A 19 -8.26 4.67 -8.39
C HIS A 19 -8.16 5.12 -9.85
N LYS A 20 -6.95 5.07 -10.39
CA LYS A 20 -6.72 5.48 -11.77
C LYS A 20 -7.32 4.45 -12.74
N ASN A 1 13.44 -2.16 10.35
CA ASN A 1 12.87 -3.48 10.53
C ASN A 1 11.55 -3.40 11.30
N SER A 2 10.69 -2.47 10.88
CA SER A 2 9.39 -2.30 11.52
C SER A 2 8.29 -2.99 10.73
N GLY A 3 8.48 -3.08 9.42
CA GLY A 3 7.49 -3.72 8.57
C GLY A 3 6.42 -2.77 8.10
N LEU A 4 5.18 -3.25 8.02
CA LEU A 4 4.06 -2.43 7.58
C LEU A 4 4.28 -1.92 6.16
N SER A 5 5.09 -2.65 5.39
CA SER A 5 5.38 -2.27 4.02
C SER A 5 4.34 -2.84 3.06
N PHE A 6 3.67 -3.90 3.48
CA PHE A 6 2.65 -4.55 2.67
C PHE A 6 1.31 -3.82 2.79
N GLU A 7 1.09 -3.21 3.96
CA GLU A 7 -0.15 -2.48 4.20
C GLU A 7 -0.06 -1.05 3.67
N GLU A 8 1.16 -0.53 3.59
CA GLU A 8 1.39 0.82 3.09
C GLU A 8 1.40 0.85 1.57
N TYR A 10 -0.18 -1.26 -0.12
CA TYR A 10 -1.59 -1.60 -0.29
C TYR A 10 -2.47 -0.36 -0.21
N ARG A 11 -1.88 0.74 0.24
CA ARG A 11 -2.62 1.99 0.37
C ARG A 11 -1.94 3.10 -0.42
N ASN A 12 -0.83 2.76 -1.08
CA ASN A 12 -0.09 3.73 -1.88
C ASN A 12 0.43 3.09 -3.16
N TYR A 14 -1.65 -0.06 -4.51
CA TYR A 14 -2.89 -0.80 -4.76
C TYR A 14 -4.09 0.14 -4.77
N THR A 15 -3.92 1.32 -4.18
CA THR A 15 -4.99 2.30 -4.12
C THR A 15 -4.92 3.27 -5.30
N MET A 16 -3.73 3.38 -5.90
CA MET A 16 -3.54 4.26 -7.04
C MET A 16 -3.91 3.55 -8.34
N VAL A 17 -3.82 2.23 -8.34
CA VAL A 17 -4.14 1.44 -9.52
C VAL A 17 -5.65 1.29 -9.69
N LEU A 18 -6.36 1.12 -8.58
CA LEU A 18 -7.81 0.97 -8.60
C LEU A 18 -8.48 2.31 -8.88
N HIS A 19 -7.86 3.39 -8.43
CA HIS A 19 -8.41 4.73 -8.64
C HIS A 19 -8.34 5.12 -10.10
N LYS A 20 -7.13 5.09 -10.66
CA LYS A 20 -6.93 5.45 -12.06
C LYS A 20 -7.65 4.49 -12.98
N ASN A 1 12.25 0.13 12.23
CA ASN A 1 11.78 -0.57 11.04
C ASN A 1 11.49 -2.03 11.35
N SER A 2 10.21 -2.38 11.44
CA SER A 2 9.80 -3.75 11.73
C SER A 2 9.01 -4.34 10.57
N GLY A 3 7.96 -3.64 10.16
CA GLY A 3 7.14 -4.11 9.06
C GLY A 3 6.16 -3.06 8.57
N LEU A 4 4.90 -3.45 8.44
CA LEU A 4 3.86 -2.54 7.97
C LEU A 4 4.19 -2.00 6.59
N SER A 5 5.01 -2.74 5.84
CA SER A 5 5.40 -2.34 4.50
C SER A 5 4.41 -2.86 3.46
N PHE A 6 3.87 -4.05 3.72
CA PHE A 6 2.90 -4.67 2.81
C PHE A 6 1.56 -3.95 2.87
N GLU A 7 1.17 -3.53 4.07
CA GLU A 7 -0.09 -2.83 4.26
C GLU A 7 -0.01 -1.41 3.71
N GLU A 8 1.19 -0.86 3.65
CA GLU A 8 1.40 0.49 3.15
C GLU A 8 1.42 0.51 1.62
N TYR A 10 -0.15 -1.49 0.12
CA TYR A 10 -1.54 -1.94 -0.01
C TYR A 10 -2.50 -0.76 0.16
N ARG A 11 -1.96 0.40 0.54
CA ARG A 11 -2.77 1.60 0.73
C ARG A 11 -2.16 2.78 -0.01
N ASN A 12 -1.04 2.54 -0.68
CA ASN A 12 -0.35 3.60 -1.42
C ASN A 12 -0.13 3.18 -2.88
N TYR A 14 -1.71 0.19 -4.04
CA TYR A 14 -3.04 -0.37 -4.23
C TYR A 14 -4.07 0.73 -4.45
N THR A 15 -3.84 1.88 -3.83
CA THR A 15 -4.74 3.01 -3.95
C THR A 15 -4.58 3.70 -5.31
N MET A 16 -3.36 3.71 -5.82
CA MET A 16 -3.07 4.33 -7.11
C MET A 16 -3.56 3.45 -8.26
N VAL A 17 -3.67 2.15 -8.00
CA VAL A 17 -4.13 1.21 -9.01
C VAL A 17 -5.65 1.29 -9.19
N LEU A 18 -6.36 1.43 -8.08
CA LEU A 18 -7.81 1.53 -8.12
C LEU A 18 -8.26 2.89 -8.63
N HIS A 19 -7.45 3.91 -8.38
CA HIS A 19 -7.76 5.27 -8.81
C HIS A 19 -7.57 5.41 -10.31
N LYS A 20 -6.37 5.05 -10.78
CA LYS A 20 -6.06 5.14 -12.21
C LYS A 20 -6.82 4.09 -13.00
N ASN A 1 8.67 -4.97 14.52
CA ASN A 1 9.53 -5.50 13.46
C ASN A 1 8.71 -5.92 12.24
N SER A 2 7.72 -5.10 11.90
CA SER A 2 6.86 -5.39 10.75
C SER A 2 7.37 -4.69 9.50
N GLY A 3 7.75 -3.43 9.65
CA GLY A 3 8.26 -2.67 8.51
C GLY A 3 7.24 -1.67 7.99
N LEU A 4 5.96 -1.98 8.21
CA LEU A 4 4.89 -1.10 7.76
C LEU A 4 5.15 -0.60 6.33
N SER A 5 5.76 -1.46 5.52
CA SER A 5 6.08 -1.11 4.14
C SER A 5 5.10 -1.78 3.18
N PHE A 6 4.67 -2.99 3.53
CA PHE A 6 3.74 -3.74 2.70
C PHE A 6 2.35 -3.15 2.76
N GLU A 7 1.95 -2.71 3.96
CA GLU A 7 0.63 -2.11 4.15
C GLU A 7 0.57 -0.72 3.53
N GLU A 8 1.72 -0.08 3.41
CA GLU A 8 1.79 1.25 2.83
C GLU A 8 1.75 1.19 1.31
N TYR A 10 0.32 -1.02 -0.03
CA TYR A 10 -1.02 -1.58 -0.08
C TYR A 10 -2.08 -0.49 0.06
N ARG A 11 -1.63 0.72 0.35
CA ARG A 11 -2.54 1.85 0.52
C ARG A 11 -2.06 3.06 -0.29
N ASN A 12 -0.97 2.87 -1.03
CA ASN A 12 -0.41 3.94 -1.84
C ASN A 12 -0.19 3.48 -3.29
N TYR A 14 -1.50 0.30 -4.26
CA TYR A 14 -2.78 -0.39 -4.39
C TYR A 14 -3.93 0.60 -4.48
N THR A 15 -3.78 1.74 -3.82
CA THR A 15 -4.80 2.79 -3.83
C THR A 15 -4.78 3.57 -5.14
N MET A 16 -3.64 3.52 -5.83
CA MET A 16 -3.49 4.23 -7.10
C MET A 16 -4.00 3.38 -8.26
N VAL A 17 -3.99 2.06 -8.06
CA VAL A 17 -4.44 1.13 -9.10
C VAL A 17 -5.97 1.08 -9.15
N LEU A 18 -6.59 1.10 -7.97
CA LEU A 18 -8.05 1.05 -7.88
C LEU A 18 -8.66 2.39 -8.28
N HIS A 19 -7.93 3.46 -8.04
CA HIS A 19 -8.41 4.80 -8.38
C HIS A 19 -8.39 5.02 -9.89
N LYS A 20 -7.23 4.79 -10.50
CA LYS A 20 -7.07 4.96 -11.94
C LYS A 20 -7.83 3.88 -12.70
N ASN A 1 10.05 -7.98 13.32
CA ASN A 1 9.41 -6.72 12.94
C ASN A 1 8.70 -6.85 11.60
N SER A 2 8.10 -5.75 11.15
CA SER A 2 7.39 -5.74 9.87
C SER A 2 7.92 -4.64 8.97
N GLY A 3 8.03 -3.43 9.50
CA GLY A 3 8.52 -2.31 8.72
C GLY A 3 7.41 -1.41 8.24
N LEU A 4 6.18 -1.93 8.22
CA LEU A 4 5.03 -1.16 7.77
C LEU A 4 5.19 -0.75 6.31
N SER A 5 6.00 -1.50 5.56
CA SER A 5 6.23 -1.21 4.15
C SER A 5 5.21 -1.94 3.27
N PHE A 6 4.69 -3.05 3.77
CA PHE A 6 3.72 -3.84 3.02
C PHE A 6 2.32 -3.27 3.20
N GLU A 7 2.10 -2.57 4.30
CA GLU A 7 0.81 -1.97 4.59
C GLU A 7 0.69 -0.59 3.97
N GLU A 8 1.84 0.04 3.72
CA GLU A 8 1.86 1.37 3.11
C GLU A 8 1.81 1.28 1.60
N TYR A 10 0.35 -0.92 0.30
CA TYR A 10 -0.99 -1.47 0.27
C TYR A 10 -2.03 -0.37 0.41
N ARG A 11 -1.58 0.84 0.72
CA ARG A 11 -2.47 1.98 0.89
C ARG A 11 -1.98 3.17 0.06
N ASN A 12 -0.88 2.98 -0.65
CA ASN A 12 -0.31 4.03 -1.49
C ASN A 12 -0.13 3.55 -2.92
N TYR A 14 -1.54 0.39 -3.84
CA TYR A 14 -2.84 -0.27 -3.94
C TYR A 14 -3.96 0.74 -4.15
N THR A 15 -3.76 1.95 -3.62
CA THR A 15 -4.75 3.01 -3.75
C THR A 15 -4.71 3.62 -5.15
N MET A 16 -3.52 3.69 -5.72
CA MET A 16 -3.33 4.25 -7.06
C MET A 16 -3.83 3.28 -8.12
N VAL A 17 -3.83 1.99 -7.80
CA VAL A 17 -4.27 0.97 -8.73
C VAL A 17 -5.79 0.93 -8.83
N LEU A 18 -6.46 1.08 -7.70
CA LEU A 18 -7.91 1.08 -7.65
C LEU A 18 -8.49 2.37 -8.21
N HIS A 19 -7.74 3.45 -8.05
CA HIS A 19 -8.17 4.76 -8.54
C HIS A 19 -8.07 4.84 -10.06
N LYS A 20 -6.88 4.55 -10.59
CA LYS A 20 -6.64 4.58 -12.02
C LYS A 20 -7.38 3.43 -12.72
N ASN A 1 9.75 -10.05 6.16
CA ASN A 1 8.99 -8.98 6.79
C ASN A 1 9.92 -7.84 7.22
N SER A 2 9.50 -6.61 6.96
CA SER A 2 10.29 -5.44 7.33
C SER A 2 9.57 -4.61 8.39
N GLY A 3 8.46 -3.99 8.00
CA GLY A 3 7.70 -3.18 8.91
C GLY A 3 6.32 -2.82 8.38
N LEU A 4 6.00 -1.53 8.39
CA LEU A 4 4.72 -1.05 7.89
C LEU A 4 4.76 -0.81 6.39
N SER A 5 5.94 -0.99 5.80
CA SER A 5 6.11 -0.79 4.37
C SER A 5 5.10 -1.62 3.59
N PHE A 6 4.62 -2.69 4.19
CA PHE A 6 3.65 -3.58 3.54
C PHE A 6 2.25 -2.99 3.63
N GLU A 7 2.00 -2.22 4.69
CA GLU A 7 0.69 -1.61 4.89
C GLU A 7 0.59 -0.29 4.13
N GLU A 8 1.74 0.36 3.92
CA GLU A 8 1.78 1.63 3.20
C GLU A 8 1.77 1.41 1.70
N TYR A 10 0.32 -0.90 0.56
CA TYR A 10 -1.02 -1.44 0.55
C TYR A 10 -2.06 -0.32 0.56
N ARG A 11 -1.59 0.90 0.78
CA ARG A 11 -2.48 2.06 0.82
C ARG A 11 -1.97 3.17 -0.08
N ASN A 12 -0.88 2.91 -0.77
CA ASN A 12 -0.28 3.89 -1.68
C ASN A 12 -0.05 3.29 -3.05
N TYR A 14 -1.44 0.08 -3.77
CA TYR A 14 -2.74 -0.59 -3.85
C TYR A 14 -3.86 0.43 -4.08
N THR A 15 -3.71 1.61 -3.50
CA THR A 15 -4.70 2.66 -3.64
C THR A 15 -4.63 3.31 -5.02
N MET A 16 -3.48 3.18 -5.67
CA MET A 16 -3.30 3.74 -7.01
C MET A 16 -3.79 2.77 -8.08
N VAL A 17 -3.79 1.48 -7.74
CA VAL A 17 -4.24 0.45 -8.68
C VAL A 17 -5.76 0.41 -8.76
N LEU A 18 -6.41 0.57 -7.62
CA LEU A 18 -7.87 0.56 -7.56
C LEU A 18 -8.46 1.85 -8.12
N HIS A 19 -7.72 2.94 -7.97
CA HIS A 19 -8.17 4.23 -8.47
C HIS A 19 -8.10 4.28 -10.00
N LYS A 20 -6.93 3.99 -10.54
CA LYS A 20 -6.74 4.00 -11.99
C LYS A 20 -7.51 2.86 -12.65
N ASN A 1 10.78 -2.66 8.87
CA ASN A 1 10.16 -3.27 7.70
C ASN A 1 9.64 -4.66 8.02
N SER A 2 8.92 -4.78 9.13
CA SER A 2 8.36 -6.06 9.56
C SER A 2 6.85 -6.09 9.37
N GLY A 3 6.16 -5.14 10.02
CA GLY A 3 4.72 -5.08 9.92
C GLY A 3 4.21 -3.66 9.80
N LEU A 4 4.35 -3.08 8.61
CA LEU A 4 3.90 -1.71 8.38
C LEU A 4 4.13 -1.30 6.92
N SER A 5 5.32 -1.61 6.40
CA SER A 5 5.66 -1.28 5.02
C SER A 5 4.68 -1.94 4.05
N PHE A 6 4.15 -3.09 4.45
CA PHE A 6 3.21 -3.83 3.60
C PHE A 6 1.86 -3.12 3.56
N GLU A 7 1.42 -2.62 4.71
CA GLU A 7 0.14 -1.92 4.81
C GLU A 7 0.21 -0.57 4.10
N GLU A 8 1.42 -0.01 4.01
CA GLU A 8 1.61 1.28 3.35
C GLU A 8 1.63 1.12 1.83
N TYR A 10 0.11 -1.07 0.56
CA TYR A 10 -1.26 -1.56 0.48
C TYR A 10 -2.24 -0.39 0.51
N ARG A 11 -1.73 0.81 0.73
CA ARG A 11 -2.57 2.00 0.79
C ARG A 11 -1.98 3.12 -0.07
N ASN A 12 -0.88 2.81 -0.75
CA ASN A 12 -0.21 3.79 -1.61
C ASN A 12 0.04 3.21 -2.99
N TYR A 14 -1.42 0.08 -3.84
CA TYR A 14 -2.75 -0.52 -3.99
C TYR A 14 -3.81 0.54 -4.21
N THR A 15 -3.60 1.72 -3.63
CA THR A 15 -4.55 2.82 -3.76
C THR A 15 -4.41 3.50 -5.12
N MET A 16 -3.25 3.33 -5.74
CA MET A 16 -2.99 3.92 -7.05
C MET A 16 -3.50 3.02 -8.17
N VAL A 17 -3.59 1.72 -7.89
CA VAL A 17 -4.07 0.76 -8.86
C VAL A 17 -5.59 0.80 -8.99
N LEU A 18 -6.26 0.96 -7.86
CA LEU A 18 -7.72 1.02 -7.84
C LEU A 18 -8.22 2.36 -8.37
N HIS A 19 -7.42 3.40 -8.17
CA HIS A 19 -7.78 4.74 -8.63
C HIS A 19 -7.67 4.83 -10.15
N LYS A 20 -6.50 4.47 -10.69
CA LYS A 20 -6.27 4.51 -12.12
C LYS A 20 -7.06 3.42 -12.83
N ASN A 1 6.02 -7.48 6.93
CA ASN A 1 5.11 -7.58 8.07
C ASN A 1 5.83 -7.29 9.38
N SER A 2 6.50 -6.14 9.43
CA SER A 2 7.23 -5.73 10.62
C SER A 2 7.23 -4.21 10.78
N GLY A 3 7.77 -3.52 9.78
CA GLY A 3 7.82 -2.07 9.83
C GLY A 3 6.50 -1.44 9.42
N LEU A 4 6.52 -0.75 8.28
CA LEU A 4 5.31 -0.09 7.77
C LEU A 4 5.46 0.27 6.30
N SER A 5 6.31 -0.48 5.60
CA SER A 5 6.54 -0.24 4.19
C SER A 5 5.55 -1.02 3.32
N PHE A 6 5.17 -2.20 3.80
CA PHE A 6 4.22 -3.05 3.08
C PHE A 6 2.82 -2.45 3.12
N GLU A 7 2.44 -1.96 4.29
CA GLU A 7 1.11 -1.37 4.47
C GLU A 7 1.01 -0.04 3.73
N GLU A 8 2.14 0.61 3.52
CA GLU A 8 2.18 1.90 2.82
C GLU A 8 2.07 1.69 1.31
N TYR A 10 0.63 -0.66 0.24
CA TYR A 10 -0.70 -1.26 0.30
C TYR A 10 -1.77 -0.18 0.44
N ARG A 11 -1.33 1.06 0.56
CA ARG A 11 -2.26 2.18 0.70
C ARG A 11 -1.89 3.32 -0.24
N ASN A 12 -0.82 3.12 -1.00
CA ASN A 12 -0.35 4.13 -1.95
C ASN A 12 -0.16 3.54 -3.34
N TYR A 14 -1.43 0.25 -3.97
CA TYR A 14 -2.70 -0.47 -3.98
C TYR A 14 -3.87 0.48 -4.15
N THR A 15 -3.73 1.69 -3.61
CA THR A 15 -4.78 2.69 -3.70
C THR A 15 -4.82 3.32 -5.08
N MET A 16 -3.70 3.25 -5.80
CA MET A 16 -3.61 3.81 -7.14
C MET A 16 -4.13 2.82 -8.18
N VAL A 17 -4.07 1.53 -7.86
CA VAL A 17 -4.53 0.49 -8.75
C VAL A 17 -6.06 0.39 -8.75
N LEU A 18 -6.65 0.54 -7.57
CA LEU A 18 -8.10 0.46 -7.43
C LEU A 18 -8.76 1.73 -7.95
N HIS A 19 -8.05 2.85 -7.86
CA HIS A 19 -8.57 4.13 -8.33
C HIS A 19 -8.59 4.18 -9.85
N LYS A 20 -7.45 3.91 -10.46
CA LYS A 20 -7.33 3.92 -11.93
C LYS A 20 -8.09 2.74 -12.54
N ASN A 1 8.17 -6.98 6.15
CA ASN A 1 9.61 -7.14 6.01
C ASN A 1 10.34 -6.30 7.06
N SER A 2 10.25 -4.98 6.93
CA SER A 2 10.90 -4.08 7.86
C SER A 2 9.94 -3.62 8.94
N GLY A 3 8.84 -3.00 8.53
CA GLY A 3 7.85 -2.53 9.48
C GLY A 3 6.79 -1.67 8.84
N LEU A 4 5.52 -2.02 9.07
CA LEU A 4 4.41 -1.27 8.51
C LEU A 4 4.68 -0.92 7.04
N SER A 5 5.34 -1.83 6.34
CA SER A 5 5.66 -1.62 4.93
C SER A 5 4.62 -2.26 4.03
N PHE A 6 3.93 -3.27 4.56
CA PHE A 6 2.89 -3.97 3.81
C PHE A 6 1.57 -3.21 3.86
N GLU A 7 1.36 -2.47 4.94
CA GLU A 7 0.14 -1.69 5.11
C GLU A 7 0.25 -0.33 4.42
N GLU A 8 1.49 0.15 4.28
CA GLU A 8 1.73 1.43 3.64
C GLU A 8 1.73 1.30 2.12
N TYR A 10 0.09 -0.95 0.70
CA TYR A 10 -1.33 -1.29 0.58
C TYR A 10 -2.18 -0.02 0.53
N ARG A 11 -1.58 1.12 0.85
CA ARG A 11 -2.28 2.39 0.85
C ARG A 11 -1.58 3.39 -0.08
N ASN A 12 -0.50 2.95 -0.70
CA ASN A 12 0.26 3.80 -1.61
C ASN A 12 0.75 3.01 -2.82
N TYR A 14 -1.41 -0.22 -3.79
CA TYR A 14 -2.66 -0.97 -3.93
C TYR A 14 -3.85 -0.01 -4.04
N THR A 15 -3.66 1.22 -3.59
CA THR A 15 -4.70 2.23 -3.64
C THR A 15 -4.63 3.05 -4.92
N MET A 16 -3.45 3.07 -5.53
CA MET A 16 -3.25 3.81 -6.78
C MET A 16 -3.65 2.98 -7.98
N VAL A 17 -3.59 1.65 -7.82
CA VAL A 17 -3.96 0.74 -8.90
C VAL A 17 -5.47 0.62 -9.04
N LEU A 18 -6.16 0.58 -7.91
CA LEU A 18 -7.61 0.46 -7.89
C LEU A 18 -8.26 1.78 -8.31
N HIS A 19 -7.59 2.88 -8.00
CA HIS A 19 -8.11 4.21 -8.35
C HIS A 19 -8.02 4.46 -9.84
N LYS A 20 -6.82 4.30 -10.39
CA LYS A 20 -6.60 4.50 -11.82
C LYS A 20 -7.27 3.40 -12.64
#